data_7DQN
#
_entry.id   7DQN
#
_cell.length_a   119.171
_cell.length_b   119.171
_cell.length_c   39.476
_cell.angle_alpha   90.000
_cell.angle_beta   90.000
_cell.angle_gamma   120.000
#
_symmetry.space_group_name_H-M   'P 61'
#
loop_
_entity.id
_entity.type
_entity.pdbx_description
1 polymer 'Guanosine deaminase'
2 non-polymer GUANOSINE
3 non-polymer 'ZINC ION'
4 water water
#
_entity_poly.entity_id   1
_entity_poly.type   'polypeptide(L)'
_entity_poly.pdbx_seq_one_letter_code
;GPHMSDHKFLTQAVEEAYKGVDCGDGGPFGAVIVHNNEVVASCHNMVLKYTDPTAHAEVTAIREACKKLNKIELSECEIY
ASCEPCPMCFGAIHLSRLKRLVYGAKAEAAIAIGFDDFIADALRGTGVYQKSSLEIKKADGNGAAIAEQVFQNTKEKFRL
F
;
_entity_poly.pdbx_strand_id   A,D
#
loop_
_chem_comp.id
_chem_comp.type
_chem_comp.name
_chem_comp.formula
GMP non-polymer GUANOSINE 'C10 H13 N5 O5'
ZN non-polymer 'ZINC ION' 'Zn 2'
#
# COMPACT_ATOMS: atom_id res chain seq x y z
N SER A 5 -13.40 1.61 25.13
CA SER A 5 -12.39 2.26 24.29
C SER A 5 -12.36 1.67 22.88
N ASP A 6 -12.22 0.34 22.81
CA ASP A 6 -12.18 -0.33 21.51
C ASP A 6 -13.46 -0.08 20.72
N HIS A 7 -14.61 -0.32 21.35
CA HIS A 7 -15.89 -0.20 20.65
C HIS A 7 -16.13 1.22 20.15
N LYS A 8 -15.70 2.22 20.92
CA LYS A 8 -15.91 3.62 20.53
C LYS A 8 -15.22 3.94 19.21
N PHE A 9 -13.92 3.65 19.12
CA PHE A 9 -13.18 3.99 17.91
C PHE A 9 -13.56 3.07 16.75
N LEU A 10 -13.91 1.81 17.03
CA LEU A 10 -14.40 0.95 15.95
C LEU A 10 -15.70 1.50 15.37
N THR A 11 -16.63 1.94 16.23
CA THR A 11 -17.86 2.55 15.76
C THR A 11 -17.57 3.83 14.99
N GLN A 12 -16.55 4.59 15.39
CA GLN A 12 -16.20 5.79 14.64
C GLN A 12 -15.68 5.43 13.25
N ALA A 13 -14.90 4.36 13.13
CA ALA A 13 -14.45 3.93 11.80
C ALA A 13 -15.63 3.50 10.93
N VAL A 14 -16.59 2.80 11.54
CA VAL A 14 -17.80 2.40 10.80
C VAL A 14 -18.59 3.63 10.35
N GLU A 15 -18.73 4.62 11.24
CA GLU A 15 -19.40 5.87 10.88
C GLU A 15 -18.69 6.56 9.73
N GLU A 16 -17.36 6.53 9.73
CA GLU A 16 -16.61 7.08 8.61
C GLU A 16 -16.92 6.35 7.33
N ALA A 17 -17.05 5.02 7.39
CA ALA A 17 -17.44 4.25 6.21
C ALA A 17 -18.77 4.73 5.65
N TYR A 18 -19.77 4.90 6.53
CA TYR A 18 -21.08 5.37 6.10
C TYR A 18 -21.01 6.77 5.50
N LYS A 19 -20.30 7.69 6.17
CA LYS A 19 -20.19 9.05 5.67
C LYS A 19 -19.51 9.09 4.31
N GLY A 20 -18.50 8.24 4.12
CA GLY A 20 -17.79 8.21 2.85
C GLY A 20 -18.63 7.69 1.71
N VAL A 21 -19.44 6.66 1.96
CA VAL A 21 -20.31 6.18 0.88
C VAL A 21 -21.42 7.17 0.59
N ASP A 22 -21.89 7.90 1.60
CA ASP A 22 -23.00 8.83 1.36
C ASP A 22 -22.57 9.97 0.43
N CYS A 23 -21.41 10.58 0.70
CA CYS A 23 -20.94 11.70 -0.09
C CYS A 23 -20.15 11.26 -1.32
N GLY A 24 -20.14 9.97 -1.64
CA GLY A 24 -19.53 9.51 -2.87
C GLY A 24 -18.02 9.56 -2.88
N ASP A 25 -17.38 9.68 -1.72
CA ASP A 25 -15.93 9.70 -1.67
C ASP A 25 -15.33 8.38 -2.13
N GLY A 26 -15.99 7.28 -1.82
CA GLY A 26 -15.44 5.96 -2.13
C GLY A 26 -16.31 4.88 -1.53
N GLY A 27 -15.66 3.80 -1.12
CA GLY A 27 -16.36 2.63 -0.66
C GLY A 27 -16.63 2.62 0.82
N PRO A 28 -17.45 1.68 1.27
CA PRO A 28 -17.87 1.64 2.68
C PRO A 28 -16.76 1.14 3.60
N PHE A 29 -15.73 1.96 3.78
CA PHE A 29 -14.57 1.57 4.57
C PHE A 29 -14.07 2.78 5.35
N GLY A 30 -13.84 2.59 6.65
CA GLY A 30 -13.34 3.66 7.49
C GLY A 30 -12.17 3.19 8.32
N ALA A 31 -11.39 4.17 8.77
CA ALA A 31 -10.22 3.91 9.61
C ALA A 31 -10.03 5.06 10.59
N VAL A 32 -9.59 4.72 11.80
CA VAL A 32 -9.38 5.71 12.85
C VAL A 32 -8.06 5.39 13.54
N ILE A 33 -7.17 6.38 13.61
CA ILE A 33 -5.89 6.23 14.30
C ILE A 33 -5.93 7.04 15.59
N VAL A 34 -5.53 6.38 16.68
CA VAL A 34 -5.64 6.87 18.05
C VAL A 34 -4.25 6.86 18.70
N HIS A 35 -4.02 7.80 19.60
CA HIS A 35 -2.86 7.79 20.48
C HIS A 35 -3.35 7.93 21.92
N ASN A 36 -3.40 6.81 22.65
CA ASN A 36 -3.83 6.78 24.04
C ASN A 36 -5.18 7.50 24.20
N ASN A 37 -6.19 6.94 23.53
CA ASN A 37 -7.57 7.42 23.63
C ASN A 37 -7.73 8.86 23.14
N GLU A 38 -6.91 9.27 22.19
CA GLU A 38 -7.05 10.56 21.52
C GLU A 38 -6.96 10.34 20.01
N VAL A 39 -8.05 10.66 19.30
CA VAL A 39 -8.07 10.49 17.86
C VAL A 39 -7.06 11.41 17.21
N VAL A 40 -6.19 10.85 16.38
CA VAL A 40 -5.26 11.67 15.63
C VAL A 40 -5.70 11.71 14.17
N ALA A 41 -6.40 10.66 13.72
CA ALA A 41 -6.91 10.69 12.35
C ALA A 41 -8.20 9.92 12.24
N SER A 42 -9.14 10.44 11.44
CA SER A 42 -10.41 9.78 11.19
C SER A 42 -10.72 9.90 9.70
N CYS A 43 -10.82 8.75 9.02
CA CYS A 43 -10.80 8.77 7.56
C CYS A 43 -11.71 7.68 7.01
N HIS A 44 -11.99 7.79 5.72
CA HIS A 44 -12.68 6.75 4.98
C HIS A 44 -12.05 6.63 3.60
N ASN A 45 -12.54 5.67 2.82
CA ASN A 45 -12.05 5.47 1.46
C ASN A 45 -12.26 6.72 0.63
N MET A 46 -11.19 7.15 -0.07
CA MET A 46 -11.22 8.31 -0.94
C MET A 46 -10.78 7.96 -2.37
N VAL A 47 -10.99 6.71 -2.77
CA VAL A 47 -10.50 6.28 -4.09
C VAL A 47 -11.19 7.06 -5.20
N LEU A 48 -12.51 7.25 -5.09
CA LEU A 48 -13.23 8.00 -6.11
C LEU A 48 -13.02 9.50 -5.96
N LYS A 49 -12.86 10.00 -4.73
CA LYS A 49 -12.65 11.42 -4.54
C LYS A 49 -11.30 11.87 -5.08
N TYR A 50 -10.25 11.07 -4.85
CA TYR A 50 -8.90 11.46 -5.22
C TYR A 50 -8.43 10.91 -6.55
N THR A 51 -9.20 10.02 -7.18
CA THR A 51 -8.74 9.27 -8.33
C THR A 51 -7.41 8.60 -8.01
N ASP A 52 -7.41 7.88 -6.89
CA ASP A 52 -6.24 7.23 -6.33
C ASP A 52 -6.66 5.86 -5.77
N PRO A 53 -6.30 4.77 -6.44
CA PRO A 53 -6.70 3.44 -5.94
C PRO A 53 -5.94 3.02 -4.70
N THR A 54 -4.88 3.73 -4.32
CA THR A 54 -4.20 3.46 -3.07
C THR A 54 -4.86 4.15 -1.89
N ALA A 55 -5.85 5.01 -2.13
CA ALA A 55 -6.46 5.80 -1.08
C ALA A 55 -7.56 5.03 -0.34
N HIS A 56 -7.27 3.80 0.06
CA HIS A 56 -8.15 3.11 0.98
C HIS A 56 -8.21 3.88 2.30
N ALA A 57 -9.16 3.49 3.16
CA ALA A 57 -9.34 4.20 4.42
C ALA A 57 -8.08 4.13 5.28
N GLU A 58 -7.43 2.97 5.33
CA GLU A 58 -6.29 2.79 6.20
C GLU A 58 -5.10 3.63 5.73
N VAL A 59 -4.80 3.59 4.44
CA VAL A 59 -3.69 4.37 3.90
C VAL A 59 -3.94 5.85 4.08
N THR A 60 -5.18 6.29 3.88
CA THR A 60 -5.52 7.69 4.09
C THR A 60 -5.30 8.09 5.55
N ALA A 61 -5.76 7.25 6.48
CA ALA A 61 -5.58 7.54 7.90
C ALA A 61 -4.10 7.58 8.26
N ILE A 62 -3.29 6.70 7.66
CA ILE A 62 -1.86 6.71 7.93
C ILE A 62 -1.23 8.01 7.43
N ARG A 63 -1.53 8.40 6.19
CA ARG A 63 -0.99 9.63 5.63
C ARG A 63 -1.36 10.84 6.51
N GLU A 64 -2.63 10.91 6.91
CA GLU A 64 -3.07 12.06 7.70
C GLU A 64 -2.47 12.06 9.10
N ALA A 65 -2.41 10.89 9.75
CA ALA A 65 -1.81 10.82 11.08
C ALA A 65 -0.34 11.19 11.05
N CYS A 66 0.37 10.74 10.01
CA CYS A 66 1.80 11.04 9.90
C CYS A 66 2.03 12.53 9.63
N LYS A 67 1.17 13.14 8.82
CA LYS A 67 1.24 14.59 8.64
C LYS A 67 0.95 15.32 9.94
N LYS A 68 -0.01 14.82 10.73
CA LYS A 68 -0.39 15.49 11.97
C LYS A 68 0.73 15.40 13.00
N LEU A 69 1.38 14.25 13.10
CA LEU A 69 2.45 14.06 14.08
C LEU A 69 3.82 14.43 13.54
N ASN A 70 3.94 14.72 12.25
CA ASN A 70 5.19 15.20 11.63
C ASN A 70 6.29 14.14 11.68
N LYS A 71 5.90 12.87 11.49
CA LYS A 71 6.88 11.79 11.47
C LYS A 71 6.29 10.62 10.69
N ILE A 72 7.18 9.73 10.24
CA ILE A 72 6.80 8.65 9.34
C ILE A 72 6.57 7.34 10.08
N GLU A 73 6.58 7.35 11.41
CA GLU A 73 6.30 6.17 12.21
C GLU A 73 5.28 6.51 13.28
N LEU A 74 4.39 5.56 13.55
CA LEU A 74 3.30 5.72 14.51
C LEU A 74 3.36 4.65 15.60
N SER A 75 4.56 4.40 16.12
CA SER A 75 4.78 3.27 17.03
C SER A 75 3.95 3.36 18.30
N GLU A 76 3.53 4.56 18.70
CA GLU A 76 2.77 4.75 19.92
C GLU A 76 1.27 4.91 19.66
N CYS A 77 0.81 4.59 18.46
CA CYS A 77 -0.58 4.75 18.06
C CYS A 77 -1.18 3.40 17.72
N GLU A 78 -2.51 3.33 17.74
CA GLU A 78 -3.23 2.15 17.30
C GLU A 78 -4.23 2.54 16.21
N ILE A 79 -4.65 1.54 15.43
CA ILE A 79 -5.53 1.78 14.29
C ILE A 79 -6.75 0.88 14.40
N TYR A 80 -7.92 1.45 14.07
CA TYR A 80 -9.20 0.77 14.08
C TYR A 80 -9.76 0.82 12.67
N ALA A 81 -10.03 -0.35 12.10
CA ALA A 81 -10.48 -0.48 10.72
C ALA A 81 -11.86 -1.10 10.68
N SER A 82 -12.80 -0.42 10.01
CA SER A 82 -14.15 -0.96 9.87
C SER A 82 -14.14 -2.32 9.20
N CYS A 83 -13.19 -2.56 8.30
CA CYS A 83 -13.09 -3.84 7.62
C CYS A 83 -11.66 -4.36 7.73
N GLU A 84 -11.52 -5.67 7.52
CA GLU A 84 -10.22 -6.32 7.55
C GLU A 84 -9.30 -5.71 6.51
N PRO A 85 -8.14 -5.15 6.89
CA PRO A 85 -7.28 -4.47 5.92
C PRO A 85 -6.79 -5.41 4.83
N CYS A 86 -6.75 -4.90 3.61
CA CYS A 86 -6.27 -5.65 2.46
C CYS A 86 -4.75 -5.83 2.56
N PRO A 87 -4.15 -6.61 1.65
CA PRO A 87 -2.68 -6.70 1.63
C PRO A 87 -1.97 -5.35 1.54
N MET A 88 -2.44 -4.43 0.69
CA MET A 88 -1.78 -3.15 0.56
C MET A 88 -1.80 -2.39 1.89
N CYS A 89 -2.98 -2.28 2.50
CA CYS A 89 -3.10 -1.51 3.74
C CYS A 89 -2.42 -2.21 4.92
N PHE A 90 -2.39 -3.54 4.93
CA PHE A 90 -1.66 -4.22 5.99
C PHE A 90 -0.15 -3.99 5.85
N GLY A 91 0.34 -3.98 4.61
CA GLY A 91 1.72 -3.59 4.40
C GLY A 91 2.00 -2.17 4.84
N ALA A 92 1.07 -1.26 4.54
CA ALA A 92 1.21 0.13 5.00
C ALA A 92 1.21 0.21 6.52
N ILE A 93 0.38 -0.60 7.18
CA ILE A 93 0.34 -0.63 8.64
C ILE A 93 1.66 -1.13 9.19
N HIS A 94 2.25 -2.13 8.52
CA HIS A 94 3.57 -2.62 8.95
C HIS A 94 4.63 -1.54 8.81
N LEU A 95 4.66 -0.87 7.65
CA LEU A 95 5.65 0.19 7.43
C LEU A 95 5.48 1.34 8.42
N SER A 96 4.23 1.68 8.75
CA SER A 96 3.98 2.76 9.69
C SER A 96 4.31 2.35 11.12
N ARG A 97 4.44 1.06 11.39
CA ARG A 97 4.79 0.53 12.71
C ARG A 97 3.76 0.89 13.78
N LEU A 98 2.49 1.00 13.40
CA LEU A 98 1.43 1.05 14.39
C LEU A 98 1.52 -0.18 15.28
N LYS A 99 1.30 0.02 16.58
CA LYS A 99 1.53 -1.06 17.54
C LYS A 99 0.34 -2.00 17.70
N ARG A 100 -0.82 -1.64 17.16
CA ARG A 100 -2.01 -2.47 17.34
C ARG A 100 -3.03 -2.15 16.26
N LEU A 101 -3.65 -3.21 15.74
CA LEU A 101 -4.75 -3.10 14.78
C LEU A 101 -5.95 -3.79 15.38
N VAL A 102 -7.06 -3.06 15.48
CA VAL A 102 -8.37 -3.62 15.80
C VAL A 102 -9.25 -3.43 14.58
N TYR A 103 -9.82 -4.53 14.08
CA TYR A 103 -10.65 -4.41 12.88
C TYR A 103 -12.00 -5.06 13.10
N GLY A 104 -13.01 -4.51 12.39
CA GLY A 104 -14.39 -4.87 12.62
C GLY A 104 -14.86 -6.14 11.97
N ALA A 105 -15.00 -6.14 10.66
CA ALA A 105 -15.60 -7.24 9.92
C ALA A 105 -14.55 -8.00 9.13
N LYS A 106 -14.73 -9.32 9.04
CA LYS A 106 -13.88 -10.14 8.18
C LYS A 106 -14.05 -9.73 6.73
N ALA A 107 -12.97 -9.92 5.95
CA ALA A 107 -12.97 -9.47 4.56
C ALA A 107 -14.05 -10.14 3.72
N GLU A 108 -14.48 -11.34 4.14
CA GLU A 108 -15.54 -12.04 3.40
C GLU A 108 -16.81 -11.22 3.34
N ALA A 109 -17.08 -10.41 4.37
CA ALA A 109 -18.25 -9.53 4.35
C ALA A 109 -18.18 -8.56 3.18
N ALA A 110 -17.01 -7.95 2.96
CA ALA A 110 -16.84 -7.04 1.83
C ALA A 110 -16.88 -7.79 0.50
N ILE A 111 -16.34 -9.01 0.48
CA ILE A 111 -16.30 -9.77 -0.78
C ILE A 111 -17.71 -10.16 -1.20
N ALA A 112 -18.57 -10.52 -0.24
CA ALA A 112 -19.91 -10.99 -0.55
C ALA A 112 -20.72 -9.96 -1.32
N ILE A 113 -20.46 -8.67 -1.10
CA ILE A 113 -21.22 -7.62 -1.76
C ILE A 113 -20.54 -7.11 -3.03
N GLY A 114 -19.39 -7.67 -3.42
CA GLY A 114 -18.85 -7.37 -4.73
C GLY A 114 -17.40 -6.95 -4.82
N PHE A 115 -16.68 -6.96 -3.71
CA PHE A 115 -15.27 -6.59 -3.74
C PHE A 115 -14.40 -7.83 -3.96
N ASP A 116 -13.15 -7.58 -4.36
CA ASP A 116 -12.25 -8.65 -4.77
C ASP A 116 -11.92 -9.58 -3.59
N ASP A 117 -11.65 -10.85 -3.91
CA ASP A 117 -10.99 -11.75 -2.97
C ASP A 117 -9.53 -11.33 -2.89
N PHE A 118 -9.20 -10.56 -1.86
CA PHE A 118 -7.92 -9.87 -1.76
C PHE A 118 -7.62 -9.76 -0.27
N ILE A 119 -6.96 -10.80 0.27
CA ILE A 119 -6.84 -11.00 1.70
C ILE A 119 -5.36 -11.09 2.08
N ALA A 120 -5.02 -10.49 3.23
CA ALA A 120 -3.64 -10.43 3.70
C ALA A 120 -3.28 -11.70 4.45
N ASP A 121 -2.31 -12.46 3.92
CA ASP A 121 -1.84 -13.66 4.59
C ASP A 121 -1.22 -13.31 5.94
N ALA A 122 -0.36 -12.29 5.97
CA ALA A 122 0.36 -11.94 7.19
C ALA A 122 -0.58 -11.51 8.31
N LEU A 123 -1.79 -11.04 7.98
CA LEU A 123 -2.76 -10.71 9.00
C LEU A 123 -3.42 -11.97 9.58
N ARG A 124 -3.80 -12.90 8.70
CA ARG A 124 -4.44 -14.13 9.13
C ARG A 124 -3.46 -15.16 9.70
N GLY A 125 -2.16 -14.90 9.62
CA GLY A 125 -1.17 -15.83 10.14
C GLY A 125 -0.68 -16.87 9.17
N THR A 126 -0.90 -16.68 7.87
CA THR A 126 -0.47 -17.63 6.85
C THR A 126 0.64 -17.06 5.97
N GLY A 127 1.37 -16.07 6.46
CA GLY A 127 2.45 -15.47 5.68
C GLY A 127 3.75 -16.24 5.84
N VAL A 128 4.48 -16.36 4.73
CA VAL A 128 5.80 -16.98 4.72
C VAL A 128 6.91 -15.94 4.69
N TYR A 129 6.77 -14.93 3.84
CA TYR A 129 7.76 -13.87 3.71
C TYR A 129 7.42 -12.65 4.57
N GLN A 130 6.15 -12.28 4.61
CA GLN A 130 5.67 -11.15 5.40
C GLN A 130 5.18 -11.70 6.73
N LYS A 131 5.87 -11.35 7.82
CA LYS A 131 5.51 -11.79 9.17
C LYS A 131 5.28 -10.55 10.02
N SER A 132 4.03 -10.38 10.45
CA SER A 132 3.68 -9.23 11.26
C SER A 132 4.25 -9.35 12.66
N SER A 133 4.28 -8.23 13.36
CA SER A 133 4.60 -8.22 14.79
C SER A 133 3.51 -7.57 15.63
N LEU A 134 2.73 -6.66 15.06
CA LEU A 134 1.75 -5.90 15.81
C LEU A 134 0.65 -6.80 16.36
N GLU A 135 0.06 -6.36 17.47
CA GLU A 135 -1.12 -7.02 18.02
C GLU A 135 -2.31 -6.81 17.08
N ILE A 136 -3.10 -7.86 16.90
CA ILE A 136 -4.25 -7.83 16.00
C ILE A 136 -5.46 -8.37 16.75
N LYS A 137 -6.53 -7.57 16.81
CA LYS A 137 -7.79 -7.99 17.44
C LYS A 137 -8.91 -7.89 16.42
N LYS A 138 -9.55 -9.03 16.15
CA LYS A 138 -10.79 -9.06 15.40
C LYS A 138 -11.94 -8.81 16.35
N ALA A 139 -12.84 -7.92 15.96
CA ALA A 139 -13.95 -7.55 16.84
C ALA A 139 -14.94 -8.70 16.96
N ASP A 140 -15.47 -8.87 18.16
CA ASP A 140 -16.55 -9.81 18.43
C ASP A 140 -17.81 -9.04 18.83
N GLY A 141 -18.88 -9.78 19.04
CA GLY A 141 -20.13 -9.21 19.54
C GLY A 141 -20.69 -8.03 18.78
N ASN A 142 -20.88 -6.92 19.50
CA ASN A 142 -21.59 -5.77 18.95
C ASN A 142 -20.79 -5.08 17.86
N GLY A 143 -19.49 -4.89 18.08
CA GLY A 143 -18.65 -4.30 17.05
C GLY A 143 -18.64 -5.13 15.77
N ALA A 144 -18.56 -6.46 15.92
CA ALA A 144 -18.61 -7.33 14.76
C ALA A 144 -19.93 -7.19 14.03
N ALA A 145 -21.04 -7.17 14.78
CA ALA A 145 -22.35 -7.02 14.14
C ALA A 145 -22.46 -5.71 13.38
N ILE A 146 -21.97 -4.62 13.97
CA ILE A 146 -22.03 -3.31 13.32
C ILE A 146 -21.22 -3.32 12.02
N ALA A 147 -19.96 -3.74 12.11
CA ALA A 147 -19.08 -3.73 10.94
C ALA A 147 -19.59 -4.65 9.85
N GLU A 148 -20.16 -5.80 10.22
CA GLU A 148 -20.77 -6.67 9.23
C GLU A 148 -21.97 -6.01 8.59
N GLN A 149 -22.82 -5.37 9.39
CA GLN A 149 -24.04 -4.74 8.88
C GLN A 149 -23.74 -3.67 7.84
N VAL A 150 -22.57 -3.03 7.95
CA VAL A 150 -22.16 -2.00 7.00
C VAL A 150 -22.44 -2.40 5.55
N PHE A 151 -22.14 -3.65 5.20
CA PHE A 151 -22.17 -4.07 3.80
C PHE A 151 -23.59 -4.40 3.32
N GLN A 152 -24.47 -4.85 4.20
CA GLN A 152 -25.87 -4.98 3.82
C GLN A 152 -26.53 -3.61 3.73
N ASN A 153 -26.18 -2.70 4.65
CA ASN A 153 -26.83 -1.39 4.69
C ASN A 153 -26.52 -0.58 3.44
N THR A 154 -25.30 -0.71 2.90
CA THR A 154 -24.83 0.12 1.80
C THR A 154 -24.69 -0.67 0.51
N LYS A 155 -25.56 -1.66 0.28
CA LYS A 155 -25.31 -2.67 -0.74
C LYS A 155 -24.99 -2.06 -2.09
N GLU A 156 -25.93 -1.27 -2.65
CA GLU A 156 -25.70 -0.54 -3.89
C GLU A 156 -26.13 0.91 -3.70
N LYS A 157 -25.31 1.67 -2.98
CA LYS A 157 -25.42 3.13 -2.93
C LYS A 157 -24.08 3.78 -3.25
N PHE A 158 -23.16 3.03 -3.88
CA PHE A 158 -21.82 3.52 -4.20
C PHE A 158 -21.35 2.86 -5.50
N ARG A 159 -20.25 3.40 -6.02
CA ARG A 159 -19.64 2.92 -7.27
C ARG A 159 -18.52 1.94 -6.93
N LEU A 160 -18.65 0.70 -7.40
CA LEU A 160 -17.68 -0.35 -7.09
C LEU A 160 -16.32 -0.02 -7.70
N PHE A 161 -15.27 -0.51 -7.04
CA PHE A 161 -13.90 -0.28 -7.49
C PHE A 161 -12.98 -1.40 -6.99
N SER B 5 14.04 -2.07 -24.69
CA SER B 5 12.75 -1.48 -24.34
C SER B 5 12.45 -1.67 -22.86
N ASP B 6 12.33 -2.93 -22.42
CA ASP B 6 12.34 -3.23 -21.00
C ASP B 6 13.59 -2.67 -20.33
N HIS B 7 14.75 -2.84 -20.99
CA HIS B 7 15.99 -2.28 -20.50
C HIS B 7 15.90 -0.76 -20.34
N LYS B 8 15.28 -0.09 -21.31
CA LYS B 8 15.21 1.37 -21.29
C LYS B 8 14.45 1.87 -20.06
N PHE B 9 13.26 1.31 -19.82
CA PHE B 9 12.42 1.82 -18.75
C PHE B 9 12.94 1.36 -17.38
N LEU B 10 13.45 0.14 -17.28
CA LEU B 10 14.08 -0.29 -16.03
C LEU B 10 15.28 0.60 -15.69
N THR B 11 16.05 0.97 -16.71
CA THR B 11 17.19 1.85 -16.51
C THR B 11 16.73 3.24 -16.05
N GLN B 12 15.66 3.75 -16.66
CA GLN B 12 15.09 5.01 -16.20
C GLN B 12 14.68 4.93 -14.74
N ALA B 13 14.14 3.79 -14.31
CA ALA B 13 13.77 3.61 -12.92
C ALA B 13 14.99 3.61 -12.00
N VAL B 14 16.07 2.96 -12.43
CA VAL B 14 17.31 2.96 -11.65
C VAL B 14 17.84 4.38 -11.49
N GLU B 15 17.84 5.14 -12.58
CA GLU B 15 18.26 6.54 -12.51
C GLU B 15 17.38 7.33 -11.55
N GLU B 16 16.08 7.06 -11.58
CA GLU B 16 15.19 7.73 -10.62
C GLU B 16 15.58 7.40 -9.19
N ALA B 17 15.93 6.14 -8.91
CA ALA B 17 16.36 5.77 -7.56
C ALA B 17 17.58 6.60 -7.14
N TYR B 18 18.58 6.69 -8.03
CA TYR B 18 19.77 7.48 -7.73
C TYR B 18 19.42 8.95 -7.50
N LYS B 19 18.56 9.51 -8.35
CA LYS B 19 18.15 10.89 -8.23
C LYS B 19 17.48 11.15 -6.88
N GLY B 20 16.55 10.27 -6.51
CA GLY B 20 15.81 10.46 -5.27
C GLY B 20 16.69 10.34 -4.05
N VAL B 21 17.61 9.36 -4.04
CA VAL B 21 18.48 9.26 -2.87
C VAL B 21 19.46 10.44 -2.83
N ASP B 22 19.82 10.99 -3.99
CA ASP B 22 20.72 12.14 -4.00
C ASP B 22 20.03 13.39 -3.45
N CYS B 23 18.76 13.60 -3.80
CA CYS B 23 18.07 14.79 -3.33
C CYS B 23 17.39 14.60 -1.97
N GLY B 24 17.59 13.45 -1.32
CA GLY B 24 17.05 13.23 0.00
C GLY B 24 15.56 12.99 0.05
N ASP B 25 14.91 12.79 -1.10
CA ASP B 25 13.47 12.54 -1.12
C ASP B 25 13.12 11.23 -0.43
N GLY B 26 14.01 10.25 -0.48
CA GLY B 26 13.73 8.97 0.13
C GLY B 26 14.81 7.97 -0.25
N GLY B 27 14.49 6.69 0.01
CA GLY B 27 15.42 5.61 -0.24
C GLY B 27 15.75 5.44 -1.71
N PRO B 28 16.73 4.59 -2.00
CA PRO B 28 17.17 4.35 -3.39
C PRO B 28 16.21 3.43 -4.14
N PHE B 29 15.04 3.97 -4.50
CA PHE B 29 14.01 3.20 -5.19
C PHE B 29 13.35 4.07 -6.25
N GLY B 30 13.05 3.48 -7.39
CA GLY B 30 12.44 4.20 -8.48
C GLY B 30 11.41 3.35 -9.20
N ALA B 31 10.39 4.02 -9.73
CA ALA B 31 9.33 3.37 -10.49
C ALA B 31 8.95 4.23 -11.69
N VAL B 32 8.64 3.56 -12.79
CA VAL B 32 8.24 4.23 -14.03
C VAL B 32 7.01 3.50 -14.57
N ILE B 33 5.92 4.24 -14.76
CA ILE B 33 4.69 3.69 -15.31
C ILE B 33 4.58 4.13 -16.76
N VAL B 34 4.38 3.17 -17.66
CA VAL B 34 4.42 3.39 -19.10
C VAL B 34 3.13 2.88 -19.71
N HIS B 35 2.66 3.58 -20.76
CA HIS B 35 1.44 3.21 -21.48
C HIS B 35 1.78 3.14 -22.96
N ASN B 36 1.95 1.91 -23.47
CA ASN B 36 2.27 1.65 -24.87
C ASN B 36 3.48 2.50 -25.32
N ASN B 37 4.58 2.31 -24.61
CA ASN B 37 5.87 2.96 -24.86
C ASN B 37 5.85 4.46 -24.59
N GLU B 38 4.80 4.98 -23.97
CA GLU B 38 4.75 6.39 -23.57
C GLU B 38 4.81 6.45 -22.04
N VAL B 39 5.80 7.18 -21.51
CA VAL B 39 5.99 7.24 -20.07
C VAL B 39 4.88 8.09 -19.46
N VAL B 40 4.09 7.48 -18.58
CA VAL B 40 3.02 8.21 -17.90
C VAL B 40 3.55 8.89 -16.64
N ALA B 41 4.34 8.16 -15.85
CA ALA B 41 4.90 8.69 -14.61
C ALA B 41 6.29 8.13 -14.38
N SER B 42 7.17 8.99 -13.85
CA SER B 42 8.56 8.62 -13.55
C SER B 42 8.86 9.17 -12.16
N CYS B 43 8.89 8.30 -11.17
CA CYS B 43 8.94 8.71 -9.77
C CYS B 43 9.99 7.92 -9.01
N HIS B 44 10.24 8.37 -7.78
CA HIS B 44 11.09 7.65 -6.85
C HIS B 44 10.47 7.75 -5.47
N ASN B 45 11.11 7.10 -4.49
CA ASN B 45 10.64 7.12 -3.12
C ASN B 45 10.59 8.56 -2.58
N MET B 46 9.43 8.95 -2.05
CA MET B 46 9.22 10.28 -1.49
C MET B 46 8.86 10.23 -0.01
N VAL B 47 9.31 9.19 0.70
CA VAL B 47 8.91 9.01 2.09
C VAL B 47 9.40 10.15 2.96
N LEU B 48 10.65 10.57 2.76
CA LEU B 48 11.20 11.65 3.57
C LEU B 48 10.64 13.01 3.15
N LYS B 49 10.52 13.24 1.85
CA LYS B 49 10.04 14.53 1.37
C LYS B 49 8.58 14.77 1.75
N TYR B 50 7.74 13.74 1.63
CA TYR B 50 6.31 13.87 1.89
C TYR B 50 5.94 13.56 3.33
N THR B 51 6.89 13.14 4.17
CA THR B 51 6.60 12.63 5.51
C THR B 51 5.46 11.62 5.44
N ASP B 52 5.61 10.66 4.54
CA ASP B 52 4.60 9.68 4.21
C ASP B 52 5.25 8.30 4.10
N PRO B 53 5.04 7.42 5.08
CA PRO B 53 5.63 6.07 4.99
C PRO B 53 5.02 5.23 3.89
N THR B 54 3.94 5.66 3.26
CA THR B 54 3.36 4.93 2.14
C THR B 54 3.88 5.41 0.80
N ALA B 55 4.68 6.49 0.79
CA ALA B 55 5.11 7.13 -0.46
C ALA B 55 6.30 6.41 -1.12
N HIS B 56 6.26 5.09 -1.20
CA HIS B 56 7.27 4.37 -1.94
C HIS B 56 7.22 4.78 -3.41
N ALA B 57 8.26 4.40 -4.16
CA ALA B 57 8.34 4.76 -5.57
C ALA B 57 7.12 4.30 -6.34
N GLU B 58 6.67 3.06 -6.09
CA GLU B 58 5.59 2.49 -6.88
C GLU B 58 4.25 3.12 -6.52
N VAL B 59 4.00 3.35 -5.23
CA VAL B 59 2.76 4.02 -4.83
C VAL B 59 2.72 5.44 -5.39
N THR B 60 3.84 6.16 -5.29
CA THR B 60 3.89 7.52 -5.84
C THR B 60 3.62 7.50 -7.35
N ALA B 61 4.25 6.56 -8.06
CA ALA B 61 4.05 6.44 -9.50
C ALA B 61 2.60 6.14 -9.83
N ILE B 62 1.97 5.24 -9.08
CA ILE B 62 0.57 4.91 -9.32
C ILE B 62 -0.31 6.14 -9.12
N ARG B 63 -0.08 6.86 -8.02
CA ARG B 63 -0.87 8.06 -7.74
C ARG B 63 -0.76 9.06 -8.89
N GLU B 64 0.47 9.29 -9.37
CA GLU B 64 0.68 10.25 -10.46
C GLU B 64 -0.01 9.77 -11.74
N ALA B 65 0.19 8.50 -12.11
CA ALA B 65 -0.37 8.00 -13.36
C ALA B 65 -1.89 8.06 -13.33
N CYS B 66 -2.49 7.79 -12.16
CA CYS B 66 -3.94 7.80 -12.07
C CYS B 66 -4.49 9.22 -12.15
N LYS B 67 -3.86 10.16 -11.43
CA LYS B 67 -4.29 11.55 -11.53
C LYS B 67 -4.12 12.09 -12.94
N LYS B 68 -3.10 11.60 -13.66
CA LYS B 68 -2.81 12.12 -14.99
C LYS B 68 -3.75 11.54 -16.05
N LEU B 69 -4.07 10.25 -15.94
CA LEU B 69 -4.97 9.60 -16.88
C LEU B 69 -6.44 9.71 -16.48
N ASN B 70 -6.73 10.29 -15.31
CA ASN B 70 -8.09 10.53 -14.84
C ASN B 70 -8.89 9.23 -14.68
N LYS B 71 -8.21 8.16 -14.29
CA LYS B 71 -8.88 6.90 -13.99
C LYS B 71 -8.14 6.19 -12.88
N ILE B 72 -8.85 5.32 -12.15
CA ILE B 72 -8.29 4.61 -11.01
C ILE B 72 -7.78 3.23 -11.40
N GLU B 73 -7.78 2.90 -12.69
CA GLU B 73 -7.23 1.63 -13.18
C GLU B 73 -6.18 1.93 -14.24
N LEU B 74 -5.05 1.21 -14.17
CA LEU B 74 -3.98 1.39 -15.14
C LEU B 74 -3.78 0.10 -15.93
N SER B 75 -4.87 -0.50 -16.41
CA SER B 75 -4.80 -1.83 -17.02
C SER B 75 -4.17 -1.82 -18.41
N GLU B 76 -4.03 -0.65 -19.04
CA GLU B 76 -3.29 -0.52 -20.29
C GLU B 76 -1.83 -0.17 -20.07
N CYS B 77 -1.40 -0.05 -18.81
CA CYS B 77 -0.06 0.40 -18.45
C CYS B 77 0.76 -0.73 -17.84
N GLU B 78 2.07 -0.49 -17.79
CA GLU B 78 3.00 -1.41 -17.17
C GLU B 78 3.92 -0.62 -16.25
N ILE B 79 4.35 -1.25 -15.16
CA ILE B 79 5.19 -0.60 -14.15
C ILE B 79 6.57 -1.24 -14.17
N TYR B 80 7.60 -0.39 -14.12
CA TYR B 80 8.98 -0.81 -14.00
C TYR B 80 9.51 -0.37 -12.65
N ALA B 81 9.94 -1.33 -11.82
CA ALA B 81 10.43 -1.05 -10.49
C ALA B 81 11.90 -1.41 -10.40
N SER B 82 12.73 -0.45 -9.98
CA SER B 82 14.16 -0.74 -9.82
C SER B 82 14.42 -1.83 -8.79
N CYS B 83 13.50 -2.04 -7.85
CA CYS B 83 13.64 -3.10 -6.86
C CYS B 83 12.31 -3.83 -6.72
N GLU B 84 12.38 -5.09 -6.31
CA GLU B 84 11.21 -5.92 -6.12
C GLU B 84 10.22 -5.25 -5.18
N PRO B 85 8.96 -5.05 -5.60
CA PRO B 85 8.00 -4.31 -4.77
C PRO B 85 7.72 -5.01 -3.43
N CYS B 86 7.47 -4.19 -2.41
CA CYS B 86 7.17 -4.68 -1.07
C CYS B 86 5.72 -5.19 -1.03
N PRO B 87 5.32 -5.81 0.09
CA PRO B 87 3.89 -6.21 0.22
C PRO B 87 2.92 -5.07 -0.03
N MET B 88 3.19 -3.88 0.51
CA MET B 88 2.31 -2.74 0.31
C MET B 88 2.23 -2.36 -1.16
N CYS B 89 3.39 -2.22 -1.81
CA CYS B 89 3.42 -1.77 -3.19
C CYS B 89 2.91 -2.84 -4.15
N PHE B 90 3.07 -4.12 -3.80
CA PHE B 90 2.47 -5.16 -4.64
C PHE B 90 0.96 -5.17 -4.50
N GLY B 91 0.46 -4.98 -3.28
CA GLY B 91 -0.97 -4.77 -3.12
C GLY B 91 -1.48 -3.60 -3.94
N ALA B 92 -0.72 -2.50 -3.94
CA ALA B 92 -1.11 -1.33 -4.72
C ALA B 92 -1.10 -1.62 -6.22
N ILE B 93 -0.08 -2.35 -6.70
CA ILE B 93 -0.02 -2.72 -8.11
C ILE B 93 -1.22 -3.58 -8.48
N HIS B 94 -1.62 -4.48 -7.57
CA HIS B 94 -2.81 -5.30 -7.81
C HIS B 94 -4.06 -4.44 -7.88
N LEU B 95 -4.22 -3.52 -6.93
CA LEU B 95 -5.43 -2.69 -6.89
C LEU B 95 -5.50 -1.74 -8.09
N SER B 96 -4.36 -1.33 -8.63
CA SER B 96 -4.33 -0.42 -9.75
C SER B 96 -4.64 -1.11 -11.08
N ARG B 97 -4.68 -2.44 -11.09
CA ARG B 97 -4.91 -3.26 -12.28
C ARG B 97 -3.82 -3.10 -13.34
N LEU B 98 -2.62 -2.63 -12.95
CA LEU B 98 -1.50 -2.63 -13.88
C LEU B 98 -1.34 -4.01 -14.47
N LYS B 99 -1.11 -4.07 -15.78
CA LYS B 99 -1.16 -5.35 -16.47
C LYS B 99 0.17 -6.10 -16.49
N ARG B 100 1.28 -5.43 -16.17
CA ARG B 100 2.58 -6.09 -16.19
C ARG B 100 3.54 -5.37 -15.25
N LEU B 101 4.34 -6.16 -14.54
CA LEU B 101 5.36 -5.66 -13.64
C LEU B 101 6.73 -6.16 -14.11
N VAL B 102 7.68 -5.24 -14.22
CA VAL B 102 9.08 -5.56 -14.50
C VAL B 102 9.91 -4.96 -13.37
N TYR B 103 10.58 -5.81 -12.60
CA TYR B 103 11.43 -5.33 -11.52
C TYR B 103 12.86 -5.83 -11.71
N GLY B 104 13.82 -4.98 -11.32
CA GLY B 104 15.21 -5.23 -11.59
C GLY B 104 15.94 -6.06 -10.56
N ALA B 105 15.93 -5.62 -9.30
CA ALA B 105 16.70 -6.25 -8.24
C ALA B 105 15.80 -7.03 -7.28
N LYS B 106 16.37 -8.10 -6.73
CA LYS B 106 15.75 -8.89 -5.67
C LYS B 106 15.70 -8.10 -4.37
N ALA B 107 14.65 -8.36 -3.58
CA ALA B 107 14.53 -7.69 -2.29
C ALA B 107 15.77 -7.93 -1.42
N GLU B 108 16.40 -9.11 -1.57
CA GLU B 108 17.57 -9.44 -0.78
C GLU B 108 18.70 -8.43 -0.95
N ALA B 109 18.80 -7.80 -2.14
CA ALA B 109 19.83 -6.79 -2.34
C ALA B 109 19.60 -5.57 -1.47
N ALA B 110 18.35 -5.20 -1.21
CA ALA B 110 18.06 -4.11 -0.29
C ALA B 110 18.24 -4.54 1.16
N ILE B 111 17.83 -5.78 1.47
CA ILE B 111 18.00 -6.29 2.83
C ILE B 111 19.48 -6.41 3.19
N ALA B 112 20.35 -6.57 2.18
CA ALA B 112 21.77 -6.73 2.44
C ALA B 112 22.39 -5.48 3.05
N ILE B 113 21.87 -4.30 2.74
CA ILE B 113 22.38 -3.06 3.30
C ILE B 113 21.49 -2.53 4.42
N GLY B 114 20.61 -3.36 4.96
CA GLY B 114 19.90 -3.05 6.19
C GLY B 114 18.44 -2.71 6.08
N PHE B 115 17.80 -2.96 4.95
CA PHE B 115 16.38 -2.65 4.83
C PHE B 115 15.53 -3.75 5.45
N ASP B 116 14.25 -3.44 5.64
CA ASP B 116 13.33 -4.35 6.31
C ASP B 116 13.25 -5.70 5.60
N ASP B 117 13.22 -6.78 6.39
CA ASP B 117 12.96 -8.11 5.88
C ASP B 117 11.47 -8.20 5.58
N PHE B 118 11.08 -7.61 4.45
CA PHE B 118 9.69 -7.26 4.14
C PHE B 118 9.42 -7.63 2.68
N ILE B 119 9.00 -8.87 2.44
CA ILE B 119 8.86 -9.42 1.10
C ILE B 119 7.43 -9.86 0.87
N ALA B 120 6.93 -9.64 -0.34
CA ALA B 120 5.53 -9.87 -0.68
C ALA B 120 5.32 -11.32 -1.09
N ASP B 121 4.48 -12.03 -0.32
CA ASP B 121 4.18 -13.43 -0.64
C ASP B 121 3.50 -13.56 -1.99
N ALA B 122 2.61 -12.63 -2.33
CA ALA B 122 1.88 -12.73 -3.59
C ALA B 122 2.81 -12.62 -4.79
N LEU B 123 3.88 -11.82 -4.66
CA LEU B 123 4.85 -11.73 -5.75
C LEU B 123 5.59 -13.06 -5.91
N ARG B 124 6.05 -13.64 -4.80
CA ARG B 124 6.83 -14.87 -4.84
C ARG B 124 5.98 -16.12 -4.89
N GLY B 125 4.65 -15.99 -4.95
CA GLY B 125 3.76 -17.13 -5.03
C GLY B 125 3.78 -18.03 -3.81
N THR B 126 3.86 -17.45 -2.60
CA THR B 126 3.97 -18.23 -1.37
C THR B 126 2.81 -17.97 -0.42
N GLY B 127 1.68 -17.51 -0.93
CA GLY B 127 0.54 -17.19 -0.10
C GLY B 127 -0.52 -18.29 -0.08
N VAL B 128 -1.32 -18.27 0.98
CA VAL B 128 -2.51 -19.11 1.06
C VAL B 128 -3.75 -18.36 0.56
N TYR B 129 -3.90 -17.10 0.98
CA TYR B 129 -5.07 -16.29 0.65
C TYR B 129 -4.85 -15.38 -0.54
N GLN B 130 -3.67 -14.77 -0.67
CA GLN B 130 -3.39 -13.78 -1.72
C GLN B 130 -2.65 -14.45 -2.86
N LYS B 131 -3.28 -14.47 -4.04
CA LYS B 131 -2.71 -14.96 -5.28
C LYS B 131 -2.49 -13.78 -6.21
N SER B 132 -1.95 -14.05 -7.40
CA SER B 132 -1.69 -12.96 -8.34
C SER B 132 -1.91 -13.43 -9.76
N SER B 133 -2.67 -12.65 -10.53
CA SER B 133 -2.85 -12.87 -11.96
C SER B 133 -1.92 -12.00 -12.81
N LEU B 134 -1.20 -11.08 -12.17
CA LEU B 134 -0.38 -10.10 -12.89
C LEU B 134 0.83 -10.76 -13.54
N GLU B 135 1.19 -10.27 -14.72
CA GLU B 135 2.41 -10.71 -15.39
C GLU B 135 3.61 -10.11 -14.66
N ILE B 136 4.56 -10.96 -14.27
CA ILE B 136 5.71 -10.54 -13.48
C ILE B 136 6.97 -11.00 -14.18
N LYS B 137 7.84 -10.06 -14.52
CA LYS B 137 9.14 -10.37 -15.09
C LYS B 137 10.23 -9.84 -14.17
N LYS B 138 11.06 -10.75 -13.66
CA LYS B 138 12.32 -10.38 -13.03
C LYS B 138 13.37 -10.17 -14.11
N ALA B 139 13.91 -8.96 -14.19
CA ALA B 139 14.86 -8.66 -15.24
C ALA B 139 16.13 -9.48 -15.06
N ASP B 140 16.83 -9.70 -16.17
CA ASP B 140 18.08 -10.46 -16.14
C ASP B 140 19.14 -9.72 -16.94
N GLY B 141 20.38 -10.19 -16.79
CA GLY B 141 21.47 -9.64 -17.58
C GLY B 141 21.90 -8.26 -17.11
N ASN B 142 22.16 -7.39 -18.08
CA ASN B 142 22.77 -6.09 -17.79
C ASN B 142 21.86 -5.24 -16.91
N GLY B 143 20.57 -5.17 -17.26
CA GLY B 143 19.65 -4.39 -16.46
C GLY B 143 19.58 -4.87 -15.02
N ALA B 144 19.55 -6.19 -14.83
CA ALA B 144 19.49 -6.74 -13.49
C ALA B 144 20.75 -6.42 -12.69
N ALA B 145 21.92 -6.55 -13.33
CA ALA B 145 23.17 -6.20 -12.66
C ALA B 145 23.19 -4.74 -12.23
N ILE B 146 22.81 -3.85 -13.15
CA ILE B 146 22.76 -2.42 -12.85
C ILE B 146 21.81 -2.17 -11.68
N ALA B 147 20.64 -2.78 -11.72
CA ALA B 147 19.64 -2.55 -10.68
C ALA B 147 20.14 -3.04 -9.33
N GLU B 148 20.83 -4.17 -9.30
CA GLU B 148 21.28 -4.72 -8.01
C GLU B 148 22.45 -3.94 -7.43
N GLN B 149 23.29 -3.32 -8.27
CA GLN B 149 24.41 -2.57 -7.71
C GLN B 149 24.00 -1.25 -7.06
N VAL B 150 22.73 -0.85 -7.21
CA VAL B 150 22.25 0.41 -6.65
C VAL B 150 22.49 0.47 -5.15
N PHE B 151 22.22 -0.63 -4.45
CA PHE B 151 22.22 -0.58 -2.99
C PHE B 151 23.63 -0.50 -2.44
N GLN B 152 24.57 -1.24 -3.03
CA GLN B 152 25.95 -1.13 -2.59
C GLN B 152 26.54 0.24 -2.94
N ASN B 153 26.21 0.77 -4.12
CA ASN B 153 26.69 2.12 -4.45
C ASN B 153 26.16 3.16 -3.47
N THR B 154 24.87 3.04 -3.11
CA THR B 154 24.27 3.99 -2.17
C THR B 154 24.89 3.86 -0.79
N LYS B 155 25.08 2.62 -0.31
CA LYS B 155 25.71 2.43 0.99
C LYS B 155 27.13 2.99 1.01
N GLU B 156 27.86 2.84 -0.09
CA GLU B 156 29.20 3.40 -0.17
C GLU B 156 29.17 4.92 -0.15
N LYS B 157 28.16 5.52 -0.80
CA LYS B 157 28.08 6.97 -0.86
C LYS B 157 27.88 7.61 0.50
N PHE B 158 27.28 6.87 1.45
CA PHE B 158 26.97 7.41 2.78
C PHE B 158 27.73 6.69 3.89
N ARG B 159 28.78 5.93 3.54
CA ARG B 159 29.51 5.18 4.57
C ARG B 159 30.17 6.12 5.58
N LEU B 160 30.97 7.06 5.10
CA LEU B 160 31.64 8.02 5.97
C LEU B 160 30.79 9.26 6.18
O5' GMP C . -10.55 -6.08 1.87
C5' GMP C . -11.68 -6.69 1.26
C4' GMP C . -11.96 -6.12 -0.11
O4' GMP C . -12.33 -4.72 0.02
C3' GMP C . -10.79 -6.17 -1.10
O3' GMP C . -11.27 -6.62 -2.36
C2' GMP C . -10.35 -4.71 -1.21
O2' GMP C . -9.78 -4.36 -2.45
C1' GMP C . -11.67 -3.98 -0.98
N9 GMP C . -11.52 -2.60 -0.51
C8 GMP C . -11.75 -1.51 -1.25
N7 GMP C . -11.49 -0.43 -0.49
C5 GMP C . -11.10 -0.85 0.71
C6 GMP C . -10.68 -0.10 1.98
O6 GMP C . -10.67 1.09 1.98
N1 GMP C . -10.30 -0.84 3.14
C2 GMP C . -10.32 -2.28 3.12
N2 GMP C . -9.93 -3.04 4.30
N3 GMP C . -10.72 -2.99 1.91
C4 GMP C . -11.11 -2.22 0.69
ZN ZN D . -6.84 -1.60 1.75
ZN ZN E . 7.03 -0.68 -1.39
#